data_8TLV
#
_entry.id   8TLV
#
_cell.length_a   101.906
_cell.length_b   156.894
_cell.length_c   63.660
_cell.angle_alpha   90.00
_cell.angle_beta   90.00
_cell.angle_gamma   90.00
#
_symmetry.space_group_name_H-M   'C 2 2 21'
#
loop_
_entity.id
_entity.type
_entity.pdbx_description
1 polymer 'MBP and AF9 AHD fusion protein 4AQK'
2 polymer 'peptidomimetic inhibitor 28'
3 branched alpha-D-glucopyranose-(1-4)-alpha-D-glucopyranose
4 non-polymer GLUTATHIONE
5 water water
#
loop_
_entity_poly.entity_id
_entity_poly.type
_entity_poly.pdbx_seq_one_letter_code
_entity_poly.pdbx_strand_id
1 'polypeptide(L)'
;SGGSKIEEGKLVIWINGDKGYNGLAEVGKKFEKDTGIKVTVEHPDKLEEKFPQVAATGDGPDIIFWAHDRFGGYAQSGLL
AEITPDKAFQDKLYPFTWDAVRYNGKLIAYPIAVEALSLIYNKDLLPNPPKTWEEIPALDKELKAKGKSALMFNLQEPYF
TWPLIAADGGYAFKYENGKYDIKDVGVDNAGAKAGLTFLVDLIKNKHMNADTDYSIAEAAFNKGETAMTINGPWAWSNID
TSKVNYGVTVLPTFKGQPSKPFVGVLSAGINAASPNKELAKEFLENYLLTDEGLEAVNKDKPLGAVALKSYEEELAKDPR
IAATMENAQKGEIMPNIPCMSAFWYAVRTAVINAASGRQTVDEALKDAQTAAAADCAYLDELVELHRRLMTLRERHILQQ
IVNLIEETGHFHITNTTFDFDLCSLDKTTVRKLQSYLETSGTS
;
A
2 'polypeptide(L)' (HBX)PV(DPP)(XYC)(I6O) B
#
# COMPACT_ATOMS: atom_id res chain seq x y z
N LYS A 5 25.52 -7.29 2.19
CA LYS A 5 25.91 -6.77 0.89
C LYS A 5 25.12 -7.43 -0.25
N ILE A 6 24.94 -6.70 -1.35
CA ILE A 6 24.19 -7.16 -2.51
C ILE A 6 25.13 -7.44 -3.69
N GLU A 7 24.96 -8.60 -4.37
CA GLU A 7 25.79 -8.98 -5.51
C GLU A 7 25.75 -7.95 -6.62
N GLU A 8 26.90 -7.70 -7.25
CA GLU A 8 27.03 -6.73 -8.34
C GLU A 8 26.83 -7.42 -9.71
N GLY A 9 26.43 -6.66 -10.72
CA GLY A 9 26.16 -7.19 -12.05
C GLY A 9 24.97 -8.13 -12.11
N LYS A 10 24.10 -8.08 -11.09
CA LYS A 10 22.90 -8.88 -10.91
C LYS A 10 21.83 -8.02 -10.24
N LEU A 11 20.62 -7.99 -10.81
CA LEU A 11 19.51 -7.23 -10.22
C LEU A 11 18.55 -8.19 -9.55
N VAL A 12 18.11 -7.83 -8.33
CA VAL A 12 17.13 -8.60 -7.57
C VAL A 12 15.92 -7.68 -7.32
N ILE A 13 14.72 -8.10 -7.74
CA ILE A 13 13.53 -7.30 -7.57
C ILE A 13 12.52 -7.96 -6.59
N TRP A 14 11.91 -7.17 -5.71
CA TRP A 14 10.87 -7.68 -4.82
C TRP A 14 9.56 -7.00 -5.20
N ILE A 15 8.49 -7.78 -5.39
CA ILE A 15 7.14 -7.31 -5.72
C ILE A 15 6.12 -8.23 -4.99
N ASN A 16 4.91 -7.72 -4.69
CA ASN A 16 3.92 -8.51 -3.95
C ASN A 16 3.37 -9.73 -4.74
N GLY A 17 2.94 -10.75 -4.01
CA GLY A 17 2.42 -11.99 -4.59
C GLY A 17 1.16 -11.85 -5.41
N ASP A 18 0.38 -10.80 -5.19
CA ASP A 18 -0.83 -10.56 -5.95
C ASP A 18 -0.60 -9.80 -7.28
N LYS A 19 0.62 -9.34 -7.52
CA LYS A 19 1.02 -8.61 -8.71
C LYS A 19 1.60 -9.54 -9.82
N GLY A 20 1.84 -9.00 -11.02
CA GLY A 20 2.35 -9.80 -12.14
C GLY A 20 3.82 -10.10 -12.09
N TYR A 21 4.27 -10.92 -11.11
CA TYR A 21 5.70 -11.21 -10.95
C TYR A 21 6.30 -12.14 -12.04
N ASN A 22 5.51 -13.00 -12.68
CA ASN A 22 6.04 -13.84 -13.75
C ASN A 22 6.23 -13.05 -15.04
N GLY A 23 5.34 -12.07 -15.28
CA GLY A 23 5.41 -11.15 -16.40
C GLY A 23 6.54 -10.17 -16.20
N LEU A 24 6.81 -9.77 -14.93
CA LEU A 24 7.94 -8.91 -14.61
C LEU A 24 9.26 -9.66 -14.84
N ALA A 25 9.29 -10.97 -14.50
CA ALA A 25 10.44 -11.83 -14.72
C ALA A 25 10.70 -12.01 -16.24
N GLU A 26 9.65 -11.98 -17.07
CA GLU A 26 9.79 -12.06 -18.53
C GLU A 26 10.51 -10.82 -19.07
N VAL A 27 10.28 -9.63 -18.45
CA VAL A 27 10.96 -8.38 -18.77
C VAL A 27 12.43 -8.47 -18.33
N GLY A 28 12.69 -9.14 -17.22
CA GLY A 28 14.05 -9.40 -16.76
C GLY A 28 14.80 -10.32 -17.70
N LYS A 29 14.10 -11.20 -18.44
CA LYS A 29 14.74 -12.09 -19.41
C LYS A 29 15.14 -11.31 -20.66
N LYS A 30 14.31 -10.34 -21.07
CA LYS A 30 14.63 -9.47 -22.19
C LYS A 30 15.84 -8.61 -21.83
N PHE A 31 15.92 -8.14 -20.56
CA PHE A 31 17.04 -7.36 -20.06
C PHE A 31 18.33 -8.18 -20.16
N GLU A 32 18.30 -9.45 -19.69
CA GLU A 32 19.43 -10.36 -19.75
C GLU A 32 19.86 -10.67 -21.19
N LYS A 33 18.90 -10.85 -22.10
CA LYS A 33 19.21 -11.14 -23.51
C LYS A 33 19.88 -9.94 -24.21
N ASP A 34 19.54 -8.71 -23.80
CA ASP A 34 20.11 -7.52 -24.42
C ASP A 34 21.39 -7.00 -23.75
N THR A 35 21.56 -7.27 -22.45
CA THR A 35 22.71 -6.74 -21.72
C THR A 35 23.66 -7.81 -21.22
N GLY A 36 23.10 -8.89 -20.68
CA GLY A 36 23.87 -9.97 -20.09
C GLY A 36 23.63 -10.12 -18.60
N ILE A 37 23.02 -9.09 -17.99
CA ILE A 37 22.73 -9.05 -16.56
C ILE A 37 21.54 -9.91 -16.19
N LYS A 38 21.73 -10.83 -15.23
CA LYS A 38 20.63 -11.69 -14.79
C LYS A 38 19.69 -10.92 -13.88
N VAL A 39 18.37 -11.05 -14.07
CA VAL A 39 17.36 -10.37 -13.25
C VAL A 39 16.54 -11.42 -12.48
N THR A 40 16.51 -11.34 -11.15
CA THR A 40 15.74 -12.30 -10.35
C THR A 40 14.61 -11.65 -9.56
N VAL A 41 13.37 -12.06 -9.85
CA VAL A 41 12.17 -11.53 -9.23
C VAL A 41 11.66 -12.45 -8.11
N GLU A 42 11.45 -11.88 -6.91
CA GLU A 42 10.96 -12.60 -5.74
C GLU A 42 9.71 -11.93 -5.17
N HIS A 43 8.86 -12.73 -4.52
CA HIS A 43 7.63 -12.23 -3.92
C HIS A 43 7.48 -12.71 -2.49
N PRO A 44 8.30 -12.18 -1.55
CA PRO A 44 8.19 -12.63 -0.16
C PRO A 44 6.87 -12.31 0.51
N ASP A 45 6.63 -12.99 1.64
CA ASP A 45 5.47 -12.70 2.48
C ASP A 45 5.88 -11.54 3.37
N LYS A 46 4.94 -10.63 3.64
CA LYS A 46 5.15 -9.44 4.46
C LYS A 46 6.36 -8.62 4.01
N LEU A 47 6.60 -8.52 2.67
CA LEU A 47 7.75 -7.80 2.09
C LEU A 47 7.78 -6.33 2.48
N GLU A 48 6.60 -5.72 2.75
CA GLU A 48 6.52 -4.33 3.20
C GLU A 48 7.18 -4.15 4.59
N GLU A 49 7.24 -5.23 5.39
CA GLU A 49 7.87 -5.26 6.70
C GLU A 49 9.28 -5.84 6.62
N LYS A 50 9.54 -6.78 5.66
CA LYS A 50 10.85 -7.40 5.47
C LYS A 50 11.84 -6.38 4.94
N PHE A 51 11.48 -5.62 3.89
CA PHE A 51 12.35 -4.60 3.30
C PHE A 51 13.05 -3.69 4.33
N PRO A 52 12.37 -2.99 5.27
CA PRO A 52 13.10 -2.15 6.23
C PRO A 52 14.05 -2.93 7.14
N GLN A 53 13.72 -4.19 7.43
CA GLN A 53 14.54 -5.02 8.30
C GLN A 53 15.81 -5.55 7.59
N VAL A 54 15.77 -5.71 6.26
CA VAL A 54 16.94 -6.21 5.52
C VAL A 54 17.75 -5.09 4.85
N ALA A 55 17.09 -4.02 4.36
CA ALA A 55 17.80 -2.91 3.73
C ALA A 55 18.60 -2.06 4.72
N ALA A 56 18.31 -2.17 6.03
CA ALA A 56 19.07 -1.45 7.04
C ALA A 56 20.46 -2.08 7.15
N THR A 57 20.53 -3.43 7.16
CA THR A 57 21.77 -4.20 7.22
C THR A 57 22.46 -4.35 5.86
N GLY A 58 22.18 -3.45 4.91
CA GLY A 58 22.80 -3.46 3.58
C GLY A 58 22.33 -4.55 2.63
N ASP A 59 21.55 -5.51 3.14
CA ASP A 59 21.01 -6.60 2.32
C ASP A 59 19.64 -6.17 1.66
N GLY A 60 18.92 -7.10 1.04
CA GLY A 60 17.65 -6.80 0.42
C GLY A 60 17.71 -6.70 -1.08
N PRO A 61 16.57 -6.37 -1.71
CA PRO A 61 16.55 -6.28 -3.17
C PRO A 61 17.11 -4.96 -3.67
N ASP A 62 17.56 -4.97 -4.93
CA ASP A 62 18.02 -3.78 -5.59
C ASP A 62 16.82 -2.88 -5.88
N ILE A 63 15.68 -3.49 -6.27
CA ILE A 63 14.44 -2.80 -6.58
C ILE A 63 13.32 -3.36 -5.68
N ILE A 64 12.46 -2.47 -5.21
CA ILE A 64 11.32 -2.85 -4.39
C ILE A 64 10.05 -2.22 -4.95
N PHE A 65 9.03 -3.04 -5.08
CA PHE A 65 7.75 -2.62 -5.58
C PHE A 65 6.72 -2.67 -4.47
N TRP A 66 6.03 -1.57 -4.27
CA TRP A 66 4.89 -1.45 -3.35
C TRP A 66 4.11 -0.20 -3.75
N ALA A 67 2.91 0.02 -3.19
CA ALA A 67 2.16 1.24 -3.40
C ALA A 67 2.98 2.43 -2.77
N HIS A 68 2.77 3.65 -3.24
CA HIS A 68 3.51 4.82 -2.77
C HIS A 68 3.47 5.07 -1.24
N ASP A 69 2.35 4.71 -0.57
CA ASP A 69 2.12 4.95 0.86
C ASP A 69 3.23 4.45 1.79
N ARG A 70 3.96 3.38 1.43
CA ARG A 70 5.02 2.87 2.29
C ARG A 70 6.40 3.47 1.99
N PHE A 71 6.55 4.14 0.84
CA PHE A 71 7.81 4.69 0.37
C PHE A 71 8.29 5.90 1.18
N GLY A 72 7.39 6.67 1.76
CA GLY A 72 7.75 7.81 2.60
C GLY A 72 8.54 7.38 3.83
N GLY A 73 8.13 6.27 4.43
CA GLY A 73 8.82 5.70 5.58
C GLY A 73 10.18 5.15 5.20
N TYR A 74 10.29 4.57 3.99
CA TYR A 74 11.56 4.03 3.51
C TYR A 74 12.55 5.18 3.24
N ALA A 75 12.04 6.27 2.64
CA ALA A 75 12.83 7.45 2.35
C ALA A 75 13.34 8.12 3.63
N GLN A 76 12.49 8.30 4.67
CA GLN A 76 12.94 8.88 5.95
C GLN A 76 13.98 8.01 6.69
N SER A 77 13.94 6.71 6.45
CA SER A 77 14.92 5.78 7.02
C SER A 77 16.21 5.69 6.15
N GLY A 78 16.32 6.51 5.10
CA GLY A 78 17.47 6.51 4.20
C GLY A 78 17.64 5.24 3.39
N LEU A 79 16.54 4.49 3.18
CA LEU A 79 16.62 3.23 2.46
C LEU A 79 16.54 3.36 0.94
N LEU A 80 16.06 4.51 0.42
CA LEU A 80 15.88 4.67 -1.03
C LEU A 80 16.83 5.63 -1.68
N ALA A 81 17.34 5.23 -2.85
CA ALA A 81 18.24 6.01 -3.70
C ALA A 81 17.39 7.04 -4.43
N GLU A 82 17.82 8.32 -4.43
CA GLU A 82 17.05 9.36 -5.10
C GLU A 82 17.12 9.19 -6.60
N ILE A 83 15.97 8.98 -7.22
CA ILE A 83 15.91 8.78 -8.65
C ILE A 83 15.97 10.14 -9.38
N THR A 84 16.75 10.21 -10.47
CA THR A 84 16.91 11.44 -11.23
C THR A 84 16.54 11.22 -12.69
N PRO A 85 15.23 11.27 -13.01
CA PRO A 85 14.83 11.09 -14.41
C PRO A 85 15.02 12.39 -15.18
N ASP A 86 15.55 12.31 -16.41
CA ASP A 86 15.74 13.51 -17.22
C ASP A 86 14.37 14.04 -17.63
N LYS A 87 14.29 15.36 -17.88
CA LYS A 87 13.06 16.04 -18.28
C LYS A 87 12.21 15.29 -19.34
N ALA A 88 12.87 14.69 -20.35
CA ALA A 88 12.21 13.96 -21.43
C ALA A 88 11.56 12.65 -20.98
N PHE A 89 12.11 12.02 -19.93
CA PHE A 89 11.51 10.80 -19.40
C PHE A 89 10.29 11.16 -18.56
N GLN A 90 10.39 12.21 -17.73
CA GLN A 90 9.28 12.70 -16.91
C GLN A 90 8.05 13.05 -17.73
N ASP A 91 8.23 13.50 -18.98
CA ASP A 91 7.08 13.83 -19.84
C ASP A 91 6.34 12.59 -20.36
N LYS A 92 6.94 11.39 -20.22
CA LYS A 92 6.29 10.16 -20.66
C LYS A 92 5.26 9.68 -19.64
N LEU A 93 5.42 10.03 -18.33
CA LEU A 93 4.48 9.63 -17.28
C LEU A 93 3.59 10.80 -16.84
N TYR A 94 2.33 10.52 -16.46
CA TYR A 94 1.37 11.53 -16.01
C TYR A 94 1.92 12.29 -14.81
N PRO A 95 1.73 13.63 -14.79
CA PRO A 95 2.29 14.43 -13.69
C PRO A 95 1.86 14.02 -12.29
N PHE A 96 0.58 13.67 -12.09
CA PHE A 96 0.09 13.29 -10.77
C PHE A 96 0.71 11.97 -10.26
N THR A 97 1.19 11.09 -11.17
CA THR A 97 1.86 9.87 -10.76
C THR A 97 3.25 10.18 -10.18
N TRP A 98 3.94 11.24 -10.68
CA TRP A 98 5.23 11.66 -10.11
C TRP A 98 5.01 12.33 -8.73
N ASP A 99 3.87 12.97 -8.50
CA ASP A 99 3.57 13.60 -7.21
C ASP A 99 3.47 12.55 -6.10
N ALA A 100 2.91 11.37 -6.39
CA ALA A 100 2.79 10.29 -5.41
C ALA A 100 4.15 9.72 -4.98
N VAL A 101 5.17 9.84 -5.85
CA VAL A 101 6.51 9.37 -5.51
C VAL A 101 7.44 10.52 -5.09
N ARG A 102 6.89 11.64 -4.64
CA ARG A 102 7.66 12.79 -4.20
C ARG A 102 7.66 12.92 -2.68
N TYR A 103 8.84 12.87 -2.06
CA TYR A 103 8.97 13.02 -0.62
C TYR A 103 10.07 14.02 -0.30
N ASN A 104 9.76 15.07 0.50
CA ASN A 104 10.71 16.14 0.86
C ASN A 104 11.27 16.84 -0.39
N GLY A 105 10.41 17.05 -1.39
CA GLY A 105 10.77 17.67 -2.65
C GLY A 105 11.59 16.80 -3.59
N LYS A 106 11.95 15.57 -3.19
CA LYS A 106 12.75 14.67 -4.01
C LYS A 106 11.90 13.53 -4.60
N LEU A 107 12.31 12.96 -5.74
CA LEU A 107 11.61 11.81 -6.30
C LEU A 107 12.30 10.56 -5.74
N ILE A 108 11.56 9.73 -5.00
CA ILE A 108 12.11 8.55 -4.33
C ILE A 108 11.81 7.21 -5.02
N ALA A 109 10.92 7.20 -6.03
CA ALA A 109 10.57 5.96 -6.73
C ALA A 109 10.02 6.28 -8.14
N TYR A 110 9.85 5.24 -8.99
CA TYR A 110 9.28 5.39 -10.30
C TYR A 110 7.84 4.97 -10.21
N PRO A 111 6.88 5.81 -10.61
CA PRO A 111 5.48 5.37 -10.60
C PRO A 111 5.23 4.37 -11.72
N ILE A 112 4.43 3.34 -11.45
CA ILE A 112 4.12 2.31 -12.44
C ILE A 112 2.66 2.34 -12.90
N ALA A 113 1.70 2.30 -11.96
CA ALA A 113 0.27 2.27 -12.32
C ALA A 113 -0.61 2.71 -11.13
N VAL A 114 -1.81 3.17 -11.41
CA VAL A 114 -2.73 3.65 -10.38
C VAL A 114 -3.79 2.59 -10.10
N GLU A 115 -3.93 2.19 -8.83
CA GLU A 115 -4.89 1.15 -8.45
C GLU A 115 -5.97 1.70 -7.56
N ALA A 116 -7.16 1.10 -7.67
CA ALA A 116 -8.31 1.37 -6.82
C ALA A 116 -9.23 0.16 -6.90
N LEU A 117 -9.90 -0.15 -5.78
CA LEU A 117 -10.85 -1.24 -5.69
C LEU A 117 -12.11 -0.90 -6.49
N SER A 118 -12.82 -1.91 -6.95
CA SER A 118 -14.09 -1.74 -7.64
C SER A 118 -15.05 -2.85 -7.19
N LEU A 119 -16.34 -2.68 -7.49
CA LEU A 119 -17.30 -3.73 -7.20
C LEU A 119 -17.20 -4.64 -8.43
N ILE A 120 -16.87 -5.90 -8.21
CA ILE A 120 -16.79 -6.90 -9.28
C ILE A 120 -18.01 -7.78 -9.08
N TYR A 121 -18.85 -7.94 -10.11
CA TYR A 121 -20.07 -8.73 -9.99
C TYR A 121 -20.18 -9.80 -11.06
N ASN A 122 -21.01 -10.82 -10.83
CA ASN A 122 -21.23 -11.93 -11.74
C ASN A 122 -22.55 -11.67 -12.48
N LYS A 123 -22.48 -11.34 -13.77
CA LYS A 123 -23.65 -11.02 -14.61
C LYS A 123 -24.71 -12.14 -14.76
N ASP A 124 -24.31 -13.42 -14.66
CA ASP A 124 -25.22 -14.57 -14.76
C ASP A 124 -26.03 -14.80 -13.49
N LEU A 125 -25.54 -14.32 -12.34
CA LEU A 125 -26.22 -14.44 -11.05
C LEU A 125 -26.90 -13.13 -10.66
N LEU A 126 -26.35 -12.01 -11.09
CA LEU A 126 -26.85 -10.70 -10.75
C LEU A 126 -26.55 -9.70 -11.88
N PRO A 127 -27.41 -9.58 -12.90
CA PRO A 127 -27.15 -8.61 -13.98
C PRO A 127 -27.37 -7.15 -13.59
N ASN A 128 -28.15 -6.88 -12.54
CA ASN A 128 -28.40 -5.50 -12.10
C ASN A 128 -27.79 -5.33 -10.71
N PRO A 129 -26.48 -5.08 -10.60
CA PRO A 129 -25.88 -4.98 -9.26
C PRO A 129 -26.40 -3.80 -8.43
N PRO A 130 -26.35 -3.94 -7.09
CA PRO A 130 -26.86 -2.86 -6.24
C PRO A 130 -26.05 -1.58 -6.34
N LYS A 131 -26.74 -0.46 -6.30
CA LYS A 131 -26.09 0.85 -6.30
C LYS A 131 -25.87 1.36 -4.89
N THR A 132 -26.53 0.79 -3.86
CA THR A 132 -26.35 1.18 -2.47
C THR A 132 -25.94 -0.01 -1.61
N TRP A 133 -25.19 0.26 -0.53
CA TRP A 133 -24.79 -0.73 0.44
C TRP A 133 -26.02 -1.26 1.19
N GLU A 134 -26.97 -0.34 1.52
CA GLU A 134 -28.21 -0.61 2.26
C GLU A 134 -29.14 -1.63 1.63
N GLU A 135 -29.08 -1.84 0.32
CA GLU A 135 -29.95 -2.86 -0.30
C GLU A 135 -29.26 -4.24 -0.42
N ILE A 136 -28.03 -4.40 0.13
CA ILE A 136 -27.31 -5.67 0.09
C ILE A 136 -27.97 -6.71 1.04
N PRO A 137 -28.42 -6.38 2.29
CA PRO A 137 -29.12 -7.39 3.09
C PRO A 137 -30.31 -8.06 2.37
N ALA A 138 -31.23 -7.27 1.76
CA ALA A 138 -32.37 -7.87 1.03
C ALA A 138 -31.95 -8.69 -0.18
N LEU A 139 -30.88 -8.24 -0.85
CA LEU A 139 -30.34 -8.94 -2.01
C LEU A 139 -29.76 -10.28 -1.60
N ASP A 140 -29.05 -10.32 -0.48
CA ASP A 140 -28.46 -11.54 0.05
C ASP A 140 -29.56 -12.53 0.41
N LYS A 141 -30.68 -12.06 1.01
CA LYS A 141 -31.82 -12.92 1.34
C LYS A 141 -32.44 -13.51 0.04
N GLU A 142 -32.49 -12.73 -1.03
CA GLU A 142 -33.01 -13.17 -2.31
C GLU A 142 -32.08 -14.20 -2.96
N LEU A 143 -30.76 -14.01 -2.82
CA LEU A 143 -29.73 -14.88 -3.39
C LEU A 143 -29.54 -16.16 -2.62
N LYS A 144 -29.65 -16.12 -1.28
CA LYS A 144 -29.54 -17.32 -0.43
C LYS A 144 -30.63 -18.31 -0.79
N ALA A 145 -31.85 -17.81 -1.10
CA ALA A 145 -32.98 -18.63 -1.53
C ALA A 145 -32.62 -19.46 -2.77
N LYS A 146 -31.84 -18.85 -3.69
CA LYS A 146 -31.33 -19.47 -4.93
C LYS A 146 -30.03 -20.27 -4.73
N GLY A 147 -29.61 -20.47 -3.48
CA GLY A 147 -28.42 -21.23 -3.14
C GLY A 147 -27.12 -20.49 -3.34
N LYS A 148 -27.14 -19.15 -3.26
CA LYS A 148 -25.95 -18.32 -3.46
C LYS A 148 -25.81 -17.28 -2.32
N SER A 149 -24.87 -16.35 -2.42
CA SER A 149 -24.72 -15.27 -1.44
C SER A 149 -24.48 -13.95 -2.19
N ALA A 150 -24.72 -12.80 -1.54
CA ALA A 150 -24.54 -11.53 -2.24
C ALA A 150 -23.07 -11.07 -2.34
N LEU A 151 -22.37 -10.87 -1.23
CA LEU A 151 -21.06 -10.26 -1.26
C LEU A 151 -20.03 -10.93 -0.37
N MET A 152 -18.80 -11.06 -0.88
CA MET A 152 -17.69 -11.62 -0.14
C MET A 152 -16.40 -10.91 -0.52
N PHE A 153 -15.75 -10.31 0.46
CA PHE A 153 -14.51 -9.62 0.24
C PHE A 153 -13.53 -9.76 1.45
N ASN A 154 -12.27 -9.38 1.25
CA ASN A 154 -11.27 -9.45 2.28
C ASN A 154 -11.61 -8.54 3.45
N LEU A 155 -12.01 -9.15 4.57
CA LEU A 155 -12.31 -8.44 5.81
C LEU A 155 -11.09 -8.38 6.75
N GLN A 156 -9.93 -8.95 6.35
CA GLN A 156 -8.71 -8.99 7.14
C GLN A 156 -7.75 -7.85 6.87
N GLU A 157 -8.01 -7.03 5.85
CA GLU A 157 -7.16 -5.91 5.51
C GLU A 157 -7.99 -4.68 5.45
N PRO A 158 -7.60 -3.62 6.19
CA PRO A 158 -8.41 -2.39 6.22
C PRO A 158 -8.53 -1.67 4.87
N TYR A 159 -7.62 -1.93 3.94
CA TYR A 159 -7.66 -1.37 2.60
C TYR A 159 -8.98 -1.68 1.90
N PHE A 160 -9.53 -2.90 2.12
CA PHE A 160 -10.77 -3.35 1.51
C PHE A 160 -12.02 -2.82 2.17
N THR A 161 -12.01 -2.64 3.50
CA THR A 161 -13.20 -2.15 4.21
C THR A 161 -13.24 -0.60 4.29
N TRP A 162 -12.13 0.08 3.95
CA TRP A 162 -12.03 1.53 3.94
C TRP A 162 -13.02 2.25 3.03
N PRO A 163 -13.33 1.78 1.80
CA PRO A 163 -14.33 2.48 0.98
C PRO A 163 -15.62 2.81 1.72
N LEU A 164 -16.13 1.86 2.53
CA LEU A 164 -17.33 2.00 3.34
C LEU A 164 -17.09 2.89 4.57
N ILE A 165 -15.95 2.74 5.24
CA ILE A 165 -15.63 3.54 6.42
C ILE A 165 -15.43 5.04 6.09
N ALA A 166 -14.88 5.35 4.91
CA ALA A 166 -14.65 6.74 4.51
C ALA A 166 -15.87 7.38 3.81
N ALA A 167 -16.84 6.58 3.36
CA ALA A 167 -18.00 7.06 2.62
C ALA A 167 -18.74 8.22 3.30
N ASP A 168 -19.02 8.10 4.60
CA ASP A 168 -19.76 9.11 5.33
C ASP A 168 -18.89 10.13 6.10
N GLY A 169 -17.57 10.18 5.85
CA GLY A 169 -16.72 11.16 6.50
C GLY A 169 -15.42 10.73 7.15
N GLY A 170 -15.07 9.45 7.06
CA GLY A 170 -13.82 8.96 7.62
C GLY A 170 -12.63 9.32 6.75
N TYR A 171 -11.48 9.56 7.36
CA TYR A 171 -10.26 9.91 6.62
C TYR A 171 -9.00 9.52 7.41
N ALA A 172 -7.87 9.32 6.71
CA ALA A 172 -6.64 8.97 7.39
C ALA A 172 -6.12 10.18 8.20
N PHE A 173 -5.68 11.28 7.53
CA PHE A 173 -5.18 12.51 8.15
C PHE A 173 -5.64 13.73 7.33
N LYS A 174 -5.80 14.91 7.97
CA LYS A 174 -6.20 16.11 7.21
C LYS A 174 -5.00 16.62 6.44
N TYR A 175 -5.21 16.91 5.16
CA TYR A 175 -4.16 17.40 4.28
C TYR A 175 -4.23 18.92 4.21
N GLU A 176 -4.35 19.57 5.37
CA GLU A 176 -4.47 21.02 5.49
C GLU A 176 -3.19 21.78 5.12
N ASN A 177 -3.30 22.66 4.10
CA ASN A 177 -2.23 23.52 3.58
C ASN A 177 -1.07 22.74 2.92
N GLY A 178 -1.42 21.86 1.99
CA GLY A 178 -0.45 21.05 1.25
C GLY A 178 0.48 20.17 2.07
N LYS A 179 0.13 19.94 3.33
CA LYS A 179 0.91 19.12 4.25
C LYS A 179 -0.04 18.36 5.20
N TYR A 180 0.17 17.06 5.38
CA TYR A 180 -0.66 16.26 6.28
C TYR A 180 -0.40 16.61 7.74
N ASP A 181 -1.47 16.69 8.53
CA ASP A 181 -1.40 16.97 9.96
C ASP A 181 -1.58 15.66 10.72
N ILE A 182 -0.51 15.19 11.37
CA ILE A 182 -0.51 13.94 12.13
C ILE A 182 -1.35 13.98 13.43
N LYS A 183 -2.01 15.11 13.70
CA LYS A 183 -2.85 15.32 14.89
C LYS A 183 -4.31 15.08 14.50
N ASP A 184 -4.73 15.60 13.33
CA ASP A 184 -6.07 15.41 12.84
C ASP A 184 -6.17 14.06 12.16
N VAL A 185 -6.85 13.10 12.80
CA VAL A 185 -7.04 11.73 12.32
C VAL A 185 -8.55 11.50 12.27
N GLY A 186 -9.08 11.06 11.12
CA GLY A 186 -10.52 10.88 10.98
C GLY A 186 -11.03 9.46 11.06
N VAL A 187 -10.63 8.72 12.11
CA VAL A 187 -11.00 7.33 12.34
C VAL A 187 -12.09 7.19 13.40
N ASP A 188 -12.13 8.09 14.38
CA ASP A 188 -13.09 8.09 15.50
C ASP A 188 -14.37 8.90 15.20
N ASN A 189 -14.47 9.61 14.06
CA ASN A 189 -15.63 10.45 13.77
C ASN A 189 -16.92 9.64 13.52
N ALA A 190 -18.08 10.32 13.41
CA ALA A 190 -19.36 9.66 13.20
C ALA A 190 -19.55 9.02 11.82
N GLY A 191 -18.77 9.48 10.83
CA GLY A 191 -18.83 8.94 9.48
C GLY A 191 -18.16 7.59 9.42
N ALA A 192 -17.00 7.46 10.11
CA ALA A 192 -16.29 6.19 10.18
C ALA A 192 -17.08 5.18 11.01
N LYS A 193 -17.70 5.65 12.10
CA LYS A 193 -18.53 4.80 12.97
C LYS A 193 -19.75 4.33 12.22
N ALA A 194 -20.39 5.22 11.42
CA ALA A 194 -21.57 4.84 10.66
C ALA A 194 -21.24 3.75 9.65
N GLY A 195 -20.10 3.90 8.97
CA GLY A 195 -19.61 2.92 8.00
C GLY A 195 -19.29 1.57 8.60
N LEU A 196 -18.38 1.54 9.59
CA LEU A 196 -18.03 0.29 10.25
C LEU A 196 -19.22 -0.39 10.94
N THR A 197 -20.18 0.39 11.48
CA THR A 197 -21.38 -0.19 12.11
C THR A 197 -22.19 -0.95 11.07
N PHE A 198 -22.30 -0.40 9.84
CA PHE A 198 -23.05 -1.06 8.75
C PHE A 198 -22.45 -2.41 8.42
N LEU A 199 -21.11 -2.46 8.37
CA LEU A 199 -20.33 -3.65 8.12
C LEU A 199 -20.55 -4.68 9.23
N VAL A 200 -20.45 -4.26 10.49
CA VAL A 200 -20.66 -5.15 11.63
C VAL A 200 -22.10 -5.69 11.62
N ASP A 201 -23.08 -4.86 11.23
CA ASP A 201 -24.48 -5.29 11.13
C ASP A 201 -24.70 -6.33 10.05
N LEU A 202 -23.95 -6.27 8.93
CA LEU A 202 -24.03 -7.26 7.86
C LEU A 202 -23.55 -8.62 8.43
N ILE A 203 -22.50 -8.61 9.26
CA ILE A 203 -21.95 -9.82 9.85
C ILE A 203 -22.85 -10.36 10.94
N LYS A 204 -23.41 -9.50 11.81
CA LYS A 204 -24.36 -9.94 12.85
C LYS A 204 -25.61 -10.56 12.23
N ASN A 205 -26.03 -10.07 11.04
CA ASN A 205 -27.22 -10.59 10.35
C ASN A 205 -26.94 -11.78 9.42
N LYS A 206 -25.71 -12.32 9.45
CA LYS A 206 -25.26 -13.48 8.69
C LYS A 206 -25.18 -13.24 7.19
N HIS A 207 -25.13 -11.96 6.76
CA HIS A 207 -24.95 -11.58 5.35
C HIS A 207 -23.48 -11.73 4.90
N MET A 208 -22.53 -11.74 5.87
CA MET A 208 -21.09 -11.92 5.69
C MET A 208 -20.49 -12.61 6.92
N ASN A 209 -19.36 -13.31 6.77
CA ASN A 209 -18.69 -13.95 7.91
C ASN A 209 -17.44 -13.13 8.19
N ALA A 210 -17.16 -12.82 9.46
CA ALA A 210 -16.00 -12.00 9.80
C ALA A 210 -14.65 -12.66 9.50
N ASP A 211 -14.64 -13.98 9.24
CA ASP A 211 -13.43 -14.73 8.92
C ASP A 211 -13.05 -14.67 7.44
N THR A 212 -13.88 -14.05 6.56
CA THR A 212 -13.53 -13.98 5.13
C THR A 212 -12.21 -13.25 4.92
N ASP A 213 -11.29 -13.90 4.21
CA ASP A 213 -9.99 -13.32 3.88
C ASP A 213 -9.88 -13.23 2.34
N TYR A 214 -8.69 -12.89 1.81
CA TYR A 214 -8.52 -12.77 0.37
C TYR A 214 -8.87 -14.06 -0.39
N SER A 215 -8.27 -15.19 0.01
CA SER A 215 -8.43 -16.49 -0.65
C SER A 215 -9.85 -17.03 -0.65
N ILE A 216 -10.56 -16.89 0.48
CA ILE A 216 -11.92 -17.39 0.60
C ILE A 216 -12.85 -16.65 -0.37
N ALA A 217 -12.73 -15.33 -0.41
CA ALA A 217 -13.51 -14.44 -1.26
C ALA A 217 -13.17 -14.65 -2.74
N GLU A 218 -11.89 -14.89 -3.04
CA GLU A 218 -11.44 -15.14 -4.40
C GLU A 218 -12.02 -16.43 -4.93
N ALA A 219 -11.92 -17.52 -4.17
CA ALA A 219 -12.46 -18.81 -4.60
C ALA A 219 -13.97 -18.81 -4.69
N ALA A 220 -14.69 -18.20 -3.72
CA ALA A 220 -16.16 -18.16 -3.78
C ALA A 220 -16.67 -17.43 -5.02
N PHE A 221 -16.05 -16.28 -5.38
CA PHE A 221 -16.47 -15.57 -6.59
C PHE A 221 -16.10 -16.33 -7.88
N ASN A 222 -14.86 -16.82 -7.97
CA ASN A 222 -14.42 -17.52 -9.17
C ASN A 222 -15.12 -18.88 -9.38
N LYS A 223 -15.58 -19.52 -8.30
CA LYS A 223 -16.32 -20.78 -8.39
C LYS A 223 -17.82 -20.56 -8.68
N GLY A 224 -18.28 -19.31 -8.60
CA GLY A 224 -19.67 -18.95 -8.87
C GLY A 224 -20.58 -19.00 -7.67
N GLU A 225 -20.01 -19.11 -6.47
CA GLU A 225 -20.78 -19.20 -5.22
C GLU A 225 -21.28 -17.86 -4.70
N THR A 226 -20.55 -16.77 -4.93
CA THR A 226 -20.96 -15.45 -4.48
C THR A 226 -21.22 -14.56 -5.70
N ALA A 227 -22.22 -13.67 -5.61
CA ALA A 227 -22.59 -12.82 -6.74
C ALA A 227 -21.66 -11.64 -6.93
N MET A 228 -21.03 -11.15 -5.83
CA MET A 228 -20.18 -9.96 -5.85
C MET A 228 -18.96 -10.09 -4.96
N THR A 229 -17.91 -9.33 -5.31
CA THR A 229 -16.66 -9.22 -4.55
C THR A 229 -16.13 -7.80 -4.74
N ILE A 230 -15.16 -7.40 -3.91
CA ILE A 230 -14.56 -6.10 -4.00
C ILE A 230 -13.08 -6.38 -4.12
N ASN A 231 -12.50 -5.99 -5.25
CA ASN A 231 -11.08 -6.26 -5.49
C ASN A 231 -10.49 -5.26 -6.49
N GLY A 232 -9.17 -5.33 -6.68
CA GLY A 232 -8.45 -4.47 -7.60
C GLY A 232 -8.18 -5.13 -8.93
N PRO A 233 -7.49 -4.40 -9.83
CA PRO A 233 -7.20 -4.95 -11.17
C PRO A 233 -6.40 -6.25 -11.21
N TRP A 234 -5.49 -6.44 -10.27
CA TRP A 234 -4.64 -7.63 -10.20
C TRP A 234 -5.46 -8.93 -10.19
N ALA A 235 -6.68 -8.88 -9.64
CA ALA A 235 -7.59 -10.02 -9.53
C ALA A 235 -8.25 -10.42 -10.83
N TRP A 236 -8.33 -9.53 -11.82
CA TRP A 236 -9.05 -9.83 -13.05
C TRP A 236 -8.54 -11.05 -13.79
N SER A 237 -7.22 -11.26 -13.86
CA SER A 237 -6.71 -12.40 -14.63
C SER A 237 -7.19 -13.75 -14.09
N ASN A 238 -7.33 -13.89 -12.77
CA ASN A 238 -7.85 -15.13 -12.17
C ASN A 238 -9.32 -15.32 -12.45
N ILE A 239 -10.10 -14.22 -12.54
CA ILE A 239 -11.54 -14.31 -12.83
C ILE A 239 -11.74 -14.78 -14.26
N ASP A 240 -10.91 -14.29 -15.21
CA ASP A 240 -10.90 -14.71 -16.62
C ASP A 240 -10.66 -16.21 -16.70
N THR A 241 -9.68 -16.73 -15.93
CA THR A 241 -9.38 -18.16 -15.89
C THR A 241 -10.60 -18.99 -15.45
N SER A 242 -11.37 -18.48 -14.48
CA SER A 242 -12.55 -19.17 -13.99
C SER A 242 -13.70 -19.21 -15.00
N LYS A 243 -13.63 -18.37 -16.05
CA LYS A 243 -14.65 -18.24 -17.09
C LYS A 243 -15.97 -17.66 -16.55
N VAL A 244 -15.94 -16.96 -15.39
CA VAL A 244 -17.12 -16.32 -14.84
C VAL A 244 -17.43 -15.09 -15.70
N ASN A 245 -18.70 -14.90 -16.06
CA ASN A 245 -19.13 -13.74 -16.82
C ASN A 245 -19.20 -12.62 -15.80
N TYR A 246 -18.18 -11.76 -15.76
CA TYR A 246 -18.12 -10.70 -14.77
C TYR A 246 -18.07 -9.29 -15.31
N GLY A 247 -18.50 -8.36 -14.46
CA GLY A 247 -18.42 -6.93 -14.71
C GLY A 247 -17.69 -6.23 -13.59
N VAL A 248 -17.08 -5.09 -13.89
CA VAL A 248 -16.38 -4.26 -12.91
C VAL A 248 -17.11 -2.93 -12.95
N THR A 249 -17.64 -2.49 -11.82
CA THR A 249 -18.48 -1.31 -11.75
C THR A 249 -18.16 -0.39 -10.53
N VAL A 250 -18.94 0.69 -10.34
CA VAL A 250 -18.84 1.62 -9.20
C VAL A 250 -19.12 0.86 -7.91
N LEU A 251 -18.36 1.16 -6.86
CA LEU A 251 -18.60 0.64 -5.52
C LEU A 251 -19.96 1.24 -5.05
N PRO A 252 -20.76 0.49 -4.27
CA PRO A 252 -22.05 1.03 -3.86
C PRO A 252 -21.91 2.24 -2.94
N THR A 253 -22.97 3.04 -2.86
CA THR A 253 -22.99 4.22 -2.01
C THR A 253 -23.45 3.87 -0.59
N PHE A 254 -23.01 4.66 0.37
CA PHE A 254 -23.41 4.49 1.76
C PHE A 254 -23.94 5.82 2.27
N LYS A 255 -25.23 5.83 2.64
CA LYS A 255 -25.92 7.03 3.12
C LYS A 255 -25.90 8.11 2.04
N GLY A 256 -26.17 7.71 0.79
CA GLY A 256 -26.18 8.60 -0.35
C GLY A 256 -24.82 9.08 -0.82
N GLN A 257 -23.78 8.90 0.00
CA GLN A 257 -22.42 9.30 -0.31
C GLN A 257 -21.70 8.15 -1.04
N PRO A 258 -20.80 8.43 -2.02
CA PRO A 258 -20.09 7.32 -2.69
C PRO A 258 -19.02 6.69 -1.80
N SER A 259 -18.69 5.40 -2.01
CA SER A 259 -17.63 4.75 -1.23
C SER A 259 -16.31 5.39 -1.65
N LYS A 260 -15.47 5.79 -0.69
CA LYS A 260 -14.21 6.48 -0.97
C LYS A 260 -13.00 5.51 -0.89
N PRO A 261 -12.64 4.76 -1.96
CA PRO A 261 -11.50 3.82 -1.82
C PRO A 261 -10.15 4.51 -1.78
N PHE A 262 -9.19 3.88 -1.13
CA PHE A 262 -7.82 4.38 -1.10
C PHE A 262 -7.23 4.18 -2.49
N VAL A 263 -6.50 5.17 -2.96
CA VAL A 263 -5.88 5.12 -4.27
C VAL A 263 -4.39 5.03 -4.10
N GLY A 264 -3.82 3.98 -4.65
CA GLY A 264 -2.39 3.74 -4.56
C GLY A 264 -1.72 3.78 -5.91
N VAL A 265 -0.46 4.15 -5.91
CA VAL A 265 0.33 4.22 -7.12
C VAL A 265 1.41 3.16 -6.93
N LEU A 266 1.39 2.08 -7.73
CA LEU A 266 2.39 1.02 -7.64
C LEU A 266 3.73 1.65 -8.04
N SER A 267 4.73 1.57 -7.17
CA SER A 267 5.99 2.25 -7.37
C SER A 267 7.18 1.35 -7.29
N ALA A 268 8.25 1.69 -8.00
CA ALA A 268 9.49 0.92 -7.96
C ALA A 268 10.61 1.80 -7.40
N GLY A 269 11.11 1.44 -6.23
CA GLY A 269 12.18 2.18 -5.58
C GLY A 269 13.50 1.42 -5.59
N ILE A 270 14.62 2.12 -5.74
CA ILE A 270 15.94 1.52 -5.78
C ILE A 270 16.54 1.58 -4.39
N ASN A 271 17.02 0.45 -3.87
CA ASN A 271 17.67 0.35 -2.56
C ASN A 271 18.95 1.21 -2.59
N ALA A 272 19.17 2.00 -1.53
CA ALA A 272 20.35 2.86 -1.46
C ALA A 272 21.63 2.03 -1.23
N ALA A 273 21.53 0.88 -0.57
CA ALA A 273 22.68 0.00 -0.33
C ALA A 273 23.09 -0.83 -1.58
N SER A 274 22.35 -0.72 -2.68
CA SER A 274 22.63 -1.48 -3.89
C SER A 274 23.73 -0.86 -4.75
N PRO A 275 24.67 -1.71 -5.21
CA PRO A 275 25.69 -1.21 -6.15
C PRO A 275 25.23 -1.27 -7.60
N ASN A 276 23.96 -1.63 -7.86
CA ASN A 276 23.46 -1.78 -9.21
C ASN A 276 22.47 -0.71 -9.61
N LYS A 277 22.57 0.49 -9.01
CA LYS A 277 21.67 1.61 -9.30
C LYS A 277 21.66 2.00 -10.78
N GLU A 278 22.76 1.76 -11.49
CA GLU A 278 22.85 2.08 -12.91
C GLU A 278 22.03 1.07 -13.72
N LEU A 279 22.16 -0.23 -13.38
CA LEU A 279 21.43 -1.31 -14.05
C LEU A 279 19.94 -1.25 -13.73
N ALA A 280 19.60 -0.87 -12.49
CA ALA A 280 18.23 -0.75 -12.03
C ALA A 280 17.53 0.39 -12.75
N LYS A 281 18.22 1.52 -12.94
CA LYS A 281 17.65 2.67 -13.64
C LYS A 281 17.42 2.32 -15.11
N GLU A 282 18.40 1.64 -15.73
CA GLU A 282 18.28 1.24 -17.13
C GLU A 282 17.12 0.24 -17.29
N PHE A 283 16.99 -0.70 -16.35
CA PHE A 283 15.92 -1.68 -16.39
C PHE A 283 14.54 -1.04 -16.22
N LEU A 284 14.37 -0.17 -15.23
CA LEU A 284 13.09 0.47 -14.97
C LEU A 284 12.68 1.50 -16.00
N GLU A 285 13.62 2.34 -16.45
CA GLU A 285 13.29 3.38 -17.43
C GLU A 285 13.17 2.90 -18.88
N ASN A 286 14.02 1.96 -19.30
CA ASN A 286 14.06 1.55 -20.70
C ASN A 286 13.52 0.14 -20.98
N TYR A 287 13.19 -0.63 -19.93
CA TYR A 287 12.68 -1.99 -20.12
C TYR A 287 11.28 -2.14 -19.54
N LEU A 288 11.08 -1.76 -18.27
CA LEU A 288 9.76 -1.86 -17.66
C LEU A 288 8.85 -0.73 -18.12
N LEU A 289 9.31 0.53 -18.01
CA LEU A 289 8.46 1.67 -18.38
C LEU A 289 8.45 1.95 -19.87
N THR A 290 7.99 0.97 -20.64
CA THR A 290 7.77 1.00 -22.10
C THR A 290 6.46 0.24 -22.36
N ASP A 291 5.85 0.42 -23.54
CA ASP A 291 4.61 -0.30 -23.89
C ASP A 291 4.79 -1.83 -23.77
N GLU A 292 5.94 -2.34 -24.21
CA GLU A 292 6.29 -3.76 -24.19
C GLU A 292 6.55 -4.28 -22.77
N GLY A 293 7.14 -3.45 -21.94
CA GLY A 293 7.47 -3.84 -20.58
C GLY A 293 6.22 -3.96 -19.74
N LEU A 294 5.37 -2.92 -19.77
CA LEU A 294 4.13 -2.91 -19.02
C LEU A 294 3.14 -3.95 -19.51
N GLU A 295 3.09 -4.21 -20.82
CA GLU A 295 2.21 -5.20 -21.40
C GLU A 295 2.53 -6.62 -20.89
N ALA A 296 3.82 -6.89 -20.59
CA ALA A 296 4.23 -8.20 -20.08
C ALA A 296 3.75 -8.40 -18.64
N VAL A 297 3.73 -7.33 -17.83
CA VAL A 297 3.24 -7.43 -16.45
C VAL A 297 1.71 -7.50 -16.46
N ASN A 298 1.09 -6.62 -17.25
CA ASN A 298 -0.36 -6.51 -17.40
C ASN A 298 -1.00 -7.80 -17.90
N LYS A 299 -0.32 -8.53 -18.80
CA LYS A 299 -0.85 -9.80 -19.32
C LYS A 299 -0.85 -10.89 -18.20
N ASP A 300 0.05 -10.78 -17.22
CA ASP A 300 0.13 -11.69 -16.08
C ASP A 300 -0.97 -11.32 -15.05
N LYS A 301 -0.88 -10.13 -14.42
CA LYS A 301 -1.91 -9.66 -13.48
C LYS A 301 -2.08 -8.18 -13.80
N PRO A 302 -3.27 -7.76 -14.26
CA PRO A 302 -3.45 -6.35 -14.67
C PRO A 302 -2.96 -5.29 -13.71
N LEU A 303 -2.34 -4.25 -14.26
CA LEU A 303 -1.78 -3.16 -13.46
C LEU A 303 -2.80 -2.08 -13.05
N GLY A 304 -3.85 -1.93 -13.84
CA GLY A 304 -4.86 -0.88 -13.62
C GLY A 304 -4.65 0.22 -14.67
N ALA A 305 -4.58 1.48 -14.23
CA ALA A 305 -4.33 2.58 -15.16
C ALA A 305 -2.85 2.87 -15.08
N VAL A 306 -2.04 2.42 -16.07
CA VAL A 306 -0.59 2.59 -16.04
C VAL A 306 -0.17 4.08 -16.13
N ALA A 307 1.02 4.40 -15.57
CA ALA A 307 1.59 5.76 -15.54
C ALA A 307 2.11 6.20 -16.90
N LEU A 308 2.56 5.25 -17.73
CA LEU A 308 3.06 5.58 -19.06
C LEU A 308 1.90 6.04 -19.95
N LYS A 309 1.92 7.30 -20.39
CA LYS A 309 0.87 7.87 -21.23
C LYS A 309 0.59 7.05 -22.50
N SER A 310 1.63 6.57 -23.19
CA SER A 310 1.45 5.81 -24.41
C SER A 310 0.71 4.49 -24.22
N TYR A 311 1.05 3.72 -23.16
CA TYR A 311 0.37 2.44 -22.94
C TYR A 311 -1.02 2.63 -22.30
N GLU A 312 -1.22 3.74 -21.55
CA GLU A 312 -2.53 4.01 -20.98
C GLU A 312 -3.55 4.34 -22.07
N GLU A 313 -3.11 4.99 -23.18
CA GLU A 313 -4.00 5.30 -24.30
C GLU A 313 -4.66 4.03 -24.91
N GLU A 314 -3.96 2.88 -24.84
CA GLU A 314 -4.48 1.62 -25.33
C GLU A 314 -5.44 1.02 -24.29
N LEU A 315 -5.01 0.97 -23.02
CA LEU A 315 -5.83 0.43 -21.91
C LEU A 315 -7.11 1.23 -21.60
N ALA A 316 -7.15 2.53 -21.90
CA ALA A 316 -8.32 3.38 -21.64
C ALA A 316 -9.60 2.89 -22.34
N LYS A 317 -9.45 2.12 -23.44
CA LYS A 317 -10.54 1.54 -24.18
C LYS A 317 -11.31 0.46 -23.38
N ASP A 318 -10.62 -0.15 -22.36
CA ASP A 318 -11.10 -1.21 -21.48
C ASP A 318 -12.09 -0.67 -20.42
N PRO A 319 -13.33 -1.17 -20.43
CA PRO A 319 -14.33 -0.70 -19.46
C PRO A 319 -14.02 -1.03 -18.00
N ARG A 320 -13.13 -2.02 -17.77
CA ARG A 320 -12.70 -2.35 -16.41
C ARG A 320 -11.78 -1.28 -15.86
N ILE A 321 -10.95 -0.66 -16.73
CA ILE A 321 -10.05 0.45 -16.38
C ILE A 321 -10.89 1.71 -16.13
N ALA A 322 -11.96 1.89 -16.91
CA ALA A 322 -12.87 3.01 -16.77
C ALA A 322 -13.54 2.93 -15.39
N ALA A 323 -13.96 1.73 -14.97
CA ALA A 323 -14.57 1.50 -13.64
C ALA A 323 -13.57 1.78 -12.55
N THR A 324 -12.29 1.38 -12.72
CA THR A 324 -11.19 1.63 -11.79
C THR A 324 -10.97 3.13 -11.62
N MET A 325 -10.84 3.89 -12.72
CA MET A 325 -10.66 5.36 -12.63
C MET A 325 -11.92 6.07 -12.10
N GLU A 326 -13.10 5.51 -12.33
CA GLU A 326 -14.35 6.05 -11.80
C GLU A 326 -14.31 6.00 -10.26
N ASN A 327 -13.94 4.82 -9.70
CA ASN A 327 -13.83 4.62 -8.26
C ASN A 327 -12.64 5.43 -7.71
N ALA A 328 -11.55 5.53 -8.47
CA ALA A 328 -10.38 6.27 -8.02
C ALA A 328 -10.65 7.77 -7.91
N GLN A 329 -11.45 8.36 -8.83
CA GLN A 329 -11.75 9.79 -8.70
C GLN A 329 -12.62 10.05 -7.47
N LYS A 330 -13.47 9.08 -7.06
CA LYS A 330 -14.33 9.23 -5.88
C LYS A 330 -13.63 8.99 -4.54
N GLY A 331 -12.43 8.43 -4.57
CA GLY A 331 -11.72 8.10 -3.34
C GLY A 331 -10.60 9.03 -2.94
N GLU A 332 -9.78 8.59 -1.98
CA GLU A 332 -8.66 9.40 -1.50
C GLU A 332 -7.29 8.78 -1.79
N ILE A 333 -6.32 9.60 -2.22
CA ILE A 333 -4.95 9.15 -2.43
C ILE A 333 -4.36 8.74 -1.07
N MET A 334 -3.57 7.66 -1.03
CA MET A 334 -2.98 7.24 0.22
C MET A 334 -1.93 8.22 0.69
N PRO A 335 -2.00 8.70 1.94
CA PRO A 335 -0.92 9.54 2.46
C PRO A 335 0.41 8.77 2.44
N ASN A 336 1.56 9.45 2.29
CA ASN A 336 2.84 8.77 2.27
C ASN A 336 3.72 9.07 3.47
N ILE A 337 3.13 9.56 4.58
CA ILE A 337 3.89 9.94 5.79
C ILE A 337 4.47 8.71 6.51
N PRO A 338 5.64 8.83 7.18
CA PRO A 338 6.31 7.64 7.73
C PRO A 338 5.56 6.84 8.79
N CYS A 339 4.51 7.41 9.42
CA CYS A 339 3.75 6.64 10.41
C CYS A 339 2.51 5.95 9.79
N MET A 340 2.50 5.77 8.47
CA MET A 340 1.40 5.07 7.80
C MET A 340 1.38 3.61 8.18
N SER A 341 2.55 2.99 8.43
CA SER A 341 2.58 1.59 8.88
C SER A 341 1.91 1.47 10.27
N ALA A 342 2.04 2.50 11.13
CA ALA A 342 1.38 2.51 12.44
C ALA A 342 -0.11 2.78 12.28
N PHE A 343 -0.49 3.64 11.32
CA PHE A 343 -1.90 3.92 11.04
C PHE A 343 -2.61 2.63 10.59
N TRP A 344 -1.99 1.86 9.68
CA TRP A 344 -2.52 0.61 9.13
C TRP A 344 -2.66 -0.45 10.18
N TYR A 345 -1.69 -0.57 11.09
CA TYR A 345 -1.75 -1.53 12.19
C TYR A 345 -2.94 -1.19 13.10
N ALA A 346 -3.18 0.11 13.34
CA ALA A 346 -4.31 0.53 14.18
C ALA A 346 -5.67 0.22 13.55
N VAL A 347 -5.89 0.60 12.28
CA VAL A 347 -7.18 0.37 11.62
C VAL A 347 -7.44 -1.12 11.42
N ARG A 348 -6.40 -1.89 11.05
CA ARG A 348 -6.52 -3.34 10.90
C ARG A 348 -7.03 -4.00 12.19
N THR A 349 -6.51 -3.56 13.35
CA THR A 349 -6.89 -4.08 14.66
C THR A 349 -8.35 -3.76 15.01
N ALA A 350 -8.74 -2.49 14.85
CA ALA A 350 -10.09 -2.02 15.11
C ALA A 350 -11.11 -2.70 14.20
N VAL A 351 -10.80 -2.86 12.89
CA VAL A 351 -11.76 -3.47 11.98
C VAL A 351 -11.99 -4.92 12.37
N ILE A 352 -10.92 -5.70 12.55
CA ILE A 352 -11.03 -7.10 12.92
C ILE A 352 -11.75 -7.29 14.27
N ASN A 353 -11.45 -6.44 15.27
CA ASN A 353 -12.09 -6.57 16.57
C ASN A 353 -13.56 -6.24 16.54
N ALA A 354 -13.96 -5.25 15.73
CA ALA A 354 -15.35 -4.86 15.62
C ALA A 354 -16.14 -5.91 14.82
N ALA A 355 -15.57 -6.37 13.70
CA ALA A 355 -16.16 -7.42 12.84
C ALA A 355 -16.37 -8.72 13.60
N SER A 356 -15.44 -9.09 14.48
CA SER A 356 -15.53 -10.32 15.26
C SER A 356 -16.35 -10.19 16.56
N GLY A 357 -16.84 -8.99 16.87
CA GLY A 357 -17.64 -8.74 18.06
C GLY A 357 -16.85 -8.70 19.35
N ARG A 358 -15.52 -8.55 19.27
CA ARG A 358 -14.65 -8.47 20.45
C ARG A 358 -14.62 -7.08 21.10
N GLN A 359 -15.09 -6.05 20.37
CA GLN A 359 -15.18 -4.65 20.77
C GLN A 359 -16.33 -4.01 20.01
N THR A 360 -16.96 -2.97 20.57
CA THR A 360 -17.99 -2.24 19.84
C THR A 360 -17.32 -1.34 18.79
N VAL A 361 -18.07 -0.80 17.82
CA VAL A 361 -17.49 0.08 16.81
C VAL A 361 -16.85 1.31 17.44
N ASP A 362 -17.58 1.95 18.36
CA ASP A 362 -17.13 3.16 19.04
C ASP A 362 -15.84 2.93 19.83
N GLU A 363 -15.75 1.79 20.51
CA GLU A 363 -14.57 1.41 21.29
C GLU A 363 -13.40 1.07 20.38
N ALA A 364 -13.62 0.28 19.33
CA ALA A 364 -12.56 -0.12 18.43
C ALA A 364 -11.95 1.08 17.72
N LEU A 365 -12.79 2.01 17.24
CA LEU A 365 -12.29 3.18 16.53
C LEU A 365 -11.63 4.21 17.44
N LYS A 366 -12.08 4.31 18.70
CA LYS A 366 -11.48 5.23 19.66
C LYS A 366 -10.04 4.81 19.95
N ASP A 367 -9.80 3.50 20.09
CA ASP A 367 -8.46 2.98 20.35
C ASP A 367 -7.58 3.18 19.12
N ALA A 368 -8.13 2.98 17.92
CA ALA A 368 -7.36 3.17 16.69
C ALA A 368 -6.91 4.62 16.55
N GLN A 369 -7.83 5.58 16.75
CA GLN A 369 -7.57 7.02 16.70
C GLN A 369 -6.48 7.37 17.73
N THR A 370 -6.61 6.85 18.94
CA THR A 370 -5.67 7.11 20.02
C THR A 370 -4.29 6.60 19.66
N ALA A 371 -4.18 5.37 19.16
CA ALA A 371 -2.89 4.79 18.80
C ALA A 371 -2.24 5.44 17.59
N ALA A 372 -3.00 5.66 16.50
CA ALA A 372 -2.45 6.28 15.29
C ALA A 372 -1.85 7.66 15.59
N ALA A 373 -2.57 8.49 16.36
CA ALA A 373 -2.14 9.82 16.74
C ALA A 373 -0.90 9.77 17.61
N ALA A 374 -0.88 8.91 18.65
CA ALA A 374 0.25 8.76 19.56
C ALA A 374 1.51 8.27 18.87
N ASP A 375 1.38 7.26 17.99
CA ASP A 375 2.51 6.71 17.25
C ASP A 375 3.09 7.69 16.24
N CYS A 376 2.25 8.55 15.66
CA CYS A 376 2.72 9.56 14.73
C CYS A 376 3.42 10.68 15.50
N ALA A 377 2.83 11.11 16.63
CA ALA A 377 3.43 12.14 17.47
C ALA A 377 4.83 11.73 17.94
N TYR A 378 4.98 10.48 18.38
CA TYR A 378 6.26 9.98 18.84
C TYR A 378 7.27 9.87 17.71
N LEU A 379 6.83 9.50 16.50
CA LEU A 379 7.74 9.39 15.37
C LEU A 379 8.30 10.74 14.93
N ASP A 380 7.48 11.82 15.00
CA ASP A 380 7.96 13.17 14.67
C ASP A 380 9.00 13.64 15.68
N GLU A 381 8.84 13.23 16.96
CA GLU A 381 9.78 13.49 18.05
C GLU A 381 11.14 12.86 17.66
N LEU A 382 11.11 11.62 17.14
CA LEU A 382 12.27 10.85 16.69
C LEU A 382 12.94 11.43 15.45
N VAL A 383 12.17 12.11 14.61
CA VAL A 383 12.70 12.74 13.41
C VAL A 383 13.42 14.05 13.78
N GLU A 384 12.88 14.78 14.77
CA GLU A 384 13.52 15.99 15.28
C GLU A 384 14.80 15.58 16.05
N LEU A 385 14.72 14.51 16.83
CA LEU A 385 15.87 14.00 17.57
C LEU A 385 16.99 13.57 16.62
N HIS A 386 16.62 12.93 15.49
CA HIS A 386 17.60 12.49 14.49
C HIS A 386 18.30 13.67 13.79
N ARG A 387 17.55 14.74 13.48
CA ARG A 387 18.12 15.91 12.84
C ARG A 387 19.17 16.57 13.74
N ARG A 388 18.90 16.63 15.05
CA ARG A 388 19.82 17.22 16.00
C ARG A 388 21.04 16.33 16.23
N LEU A 389 20.85 15.01 16.21
CA LEU A 389 21.94 14.04 16.37
C LEU A 389 22.92 14.06 15.19
N MET A 390 22.48 14.48 14.00
CA MET A 390 23.38 14.55 12.83
C MET A 390 24.13 15.89 12.77
N THR A 391 23.57 16.96 13.36
CA THR A 391 24.26 18.27 13.41
C THR A 391 25.36 18.31 14.49
N LEU A 392 25.34 17.36 15.43
CA LEU A 392 26.25 17.16 16.55
C LEU A 392 27.65 16.75 16.07
N ARG A 393 28.68 17.55 16.39
CA ARG A 393 30.07 17.23 16.01
C ARG A 393 31.05 17.19 17.21
N GLU A 394 30.58 17.63 18.39
CA GLU A 394 31.31 17.65 19.66
C GLU A 394 31.60 16.21 20.07
N ARG A 395 32.85 15.72 19.83
CA ARG A 395 33.29 14.36 20.14
C ARG A 395 33.07 13.93 21.61
N HIS A 396 32.79 14.89 22.49
CA HIS A 396 32.52 14.62 23.90
C HIS A 396 31.11 14.06 24.03
N ILE A 397 30.07 14.82 23.59
CA ILE A 397 28.66 14.40 23.64
C ILE A 397 28.44 13.12 22.83
N LEU A 398 29.12 13.00 21.69
CA LEU A 398 29.03 11.83 20.81
C LEU A 398 29.49 10.56 21.51
N GLN A 399 30.54 10.67 22.35
CA GLN A 399 31.07 9.55 23.12
C GLN A 399 30.10 9.16 24.24
N GLN A 400 29.51 10.15 24.90
CA GLN A 400 28.52 9.94 25.95
C GLN A 400 27.28 9.23 25.39
N ILE A 401 26.85 9.60 24.16
CA ILE A 401 25.71 8.98 23.47
C ILE A 401 26.09 7.56 23.05
N VAL A 402 27.30 7.38 22.47
CA VAL A 402 27.81 6.07 22.09
C VAL A 402 27.84 5.11 23.32
N ASN A 403 28.10 5.66 24.51
CA ASN A 403 28.13 4.92 25.78
C ASN A 403 26.73 4.56 26.29
N LEU A 404 25.78 5.51 26.25
CA LEU A 404 24.39 5.27 26.66
C LEU A 404 23.77 4.16 25.79
N ILE A 405 23.98 4.22 24.48
CA ILE A 405 23.49 3.23 23.51
C ILE A 405 24.20 1.87 23.68
N GLU A 406 25.47 1.87 24.12
CA GLU A 406 26.20 0.64 24.36
C GLU A 406 25.58 -0.13 25.55
N GLU A 407 25.10 0.62 26.57
CA GLU A 407 24.47 0.03 27.75
C GLU A 407 23.20 -0.72 27.38
N THR A 408 22.40 -0.15 26.48
CA THR A 408 21.16 -0.75 26.02
C THR A 408 21.38 -2.05 25.23
N GLY A 409 22.50 -2.15 24.51
CA GLY A 409 22.77 -3.30 23.67
C GLY A 409 22.20 -3.19 22.26
N HIS A 410 21.34 -2.15 22.04
CA HIS A 410 20.67 -1.84 20.79
C HIS A 410 21.62 -1.13 19.81
N PHE A 411 22.60 -1.86 19.26
CA PHE A 411 23.56 -1.27 18.34
C PHE A 411 24.28 -2.33 17.50
N HIS A 412 24.92 -1.91 16.40
CA HIS A 412 25.69 -2.81 15.57
C HIS A 412 26.91 -2.07 15.02
N ILE A 413 28.10 -2.70 15.06
CA ILE A 413 29.31 -2.07 14.54
C ILE A 413 29.64 -2.64 13.17
N THR A 414 29.84 -1.76 12.18
CA THR A 414 30.21 -2.12 10.81
C THR A 414 31.70 -1.73 10.57
N ASN A 415 32.22 -1.88 9.33
CA ASN A 415 33.62 -1.52 9.04
C ASN A 415 33.87 -0.03 9.27
N THR A 416 32.87 0.82 8.96
CA THR A 416 33.03 2.27 9.04
C THR A 416 32.15 2.98 10.06
N THR A 417 31.06 2.34 10.54
CA THR A 417 30.10 3.01 11.43
C THR A 417 29.67 2.25 12.72
N PHE A 418 29.01 2.98 13.63
CA PHE A 418 28.38 2.51 14.86
C PHE A 418 26.92 2.84 14.59
N ASP A 419 26.10 1.83 14.29
CA ASP A 419 24.71 2.00 13.92
C ASP A 419 23.70 1.68 15.02
N PHE A 420 22.58 2.41 15.04
CA PHE A 420 21.48 2.20 15.98
C PHE A 420 20.22 2.93 15.47
N ASP A 421 19.05 2.31 15.62
CA ASP A 421 17.81 2.94 15.19
C ASP A 421 17.08 3.49 16.39
N LEU A 422 16.64 4.75 16.30
CA LEU A 422 15.90 5.39 17.39
C LEU A 422 14.56 4.71 17.68
N CYS A 423 13.97 4.04 16.67
CA CYS A 423 12.71 3.31 16.83
C CYS A 423 12.88 2.06 17.67
N SER A 424 14.06 1.42 17.60
CA SER A 424 14.36 0.22 18.37
C SER A 424 14.55 0.50 19.87
N LEU A 425 14.89 1.74 20.24
CA LEU A 425 15.14 2.10 21.63
C LEU A 425 13.87 2.30 22.43
N ASP A 426 13.97 2.08 23.76
CA ASP A 426 12.86 2.27 24.70
C ASP A 426 12.52 3.74 24.79
N LYS A 427 11.23 4.09 25.01
CA LYS A 427 10.83 5.50 25.19
C LYS A 427 11.59 6.19 26.34
N THR A 428 12.12 5.39 27.28
CA THR A 428 12.92 5.87 28.40
C THR A 428 14.31 6.32 27.91
N THR A 429 14.96 5.52 27.03
CA THR A 429 16.29 5.85 26.50
C THR A 429 16.27 7.10 25.61
N VAL A 430 15.14 7.38 24.97
CA VAL A 430 15.01 8.56 24.11
C VAL A 430 15.01 9.83 24.96
N ARG A 431 14.39 9.80 26.14
CA ARG A 431 14.37 10.94 27.06
C ARG A 431 15.80 11.29 27.54
N LYS A 432 16.67 10.28 27.67
CA LYS A 432 18.07 10.48 28.05
C LYS A 432 18.83 11.21 26.93
N LEU A 433 18.51 10.90 25.66
CA LEU A 433 19.12 11.54 24.50
C LEU A 433 18.75 13.03 24.40
N GLN A 434 17.52 13.39 24.85
CA GLN A 434 17.05 14.77 24.87
C GLN A 434 17.88 15.60 25.86
N SER A 435 18.27 14.99 27.00
CA SER A 435 19.10 15.63 28.02
C SER A 435 20.50 15.97 27.47
N TYR A 436 21.03 15.13 26.57
CA TYR A 436 22.31 15.40 25.93
C TYR A 436 22.25 16.63 24.99
N LEU A 437 21.05 17.05 24.57
CA LEU A 437 20.89 18.23 23.71
C LEU A 437 20.89 19.49 24.56
N PRO B 2 17.27 5.82 11.56
CA PRO B 2 18.57 5.14 11.47
C PRO B 2 19.74 6.11 11.69
N VAL B 3 20.48 5.88 12.79
CA VAL B 3 21.63 6.72 13.13
C VAL B 3 22.93 5.97 12.85
#